data_7L4C
#
_entry.id   7L4C
#
_cell.length_a   54.376
_cell.length_b   232.512
_cell.length_c   117.789
_cell.angle_alpha   90.000
_cell.angle_beta   90.000
_cell.angle_gamma   90.000
#
_symmetry.space_group_name_H-M   'C 2 2 21'
#
loop_
_entity.id
_entity.type
_entity.pdbx_description
1 polymer 'DNA (cytosine-5)-methyltransferase DRM2'
2 polymer "DNA (5'-D(*TP*AP*AP*AP*TP*TP*AP*AP*GP*AP*TP*TP*AP*AP*TP*AP*AP*T)-3')"
3 polymer "DNA (5'-D(*AP*TP*TP*AP*TP*TP*AP*AP*TP*(C49)P*TP*TP*AP*AP*TP*TP*TP*A)-3')"
4 non-polymer S-ADENOSYL-L-HOMOCYSTEINE
5 non-polymer GLYCEROL
6 water water
#
loop_
_entity_poly.entity_id
_entity_poly.type
_entity_poly.pdbx_seq_one_letter_code
_entity_poly.pdbx_strand_id
1 'polypeptide(L)'
;EPIRLPNPMIGFGVPNEPGLITHRSLPELARGPPFFYYENVALTPKGVWETISRHLFEIPPEFVDSKYFCVAARKRGYIH
NLPINNRFQIQPPPKYTIHDAFPLSKRWWPEWDKRTKLNCILTCTGSAQLTNRIRVALEPYNEEPEPPKHVQRYVIDQCK
KWNLVWVGKNKAAPLEPDEMESILGFPKNHTRGGGMSRTERFKSLGNSFQVDTVAYHLSVLKPIFPHGINVLSLFTGIGG
GEVALHRLQIKMKLVVSVEISKVNRNILKDFWEQTNQTGELIEFSDIQHLTNDTIEGLMEKYGGFDLVIGGSPCNNLAGG
NRVSRVGLEGDQSSLFFEYCRILEVVRARMRGS
;
A
2 'polydeoxyribonucleotide' (DT)(DA)(DA)(DA)(DT)(DT)(DA)(DA)(DG)(DA)(DT)(DT)(DA)(DA)(DT)(DA)(DA)(DT) B
3 'polydeoxyribonucleotide' (DA)(DT)(DT)(DA)(DT)(DT)(DA)(DA)(DT)(C49)(DT)(DT)(DA)(DA)(DT)(DT)(DT)(DA) C
#
loop_
_chem_comp.id
_chem_comp.type
_chem_comp.name
_chem_comp.formula
C49 DNA linking 4-THIO,5-FLUORO,5-METHYL-2'-DEOXY-CYTIDINE-5'-MONOPHOSPHATE 'C10 H15 F N3 O7 P S'
DA DNA linking 2'-DEOXYADENOSINE-5'-MONOPHOSPHATE 'C10 H14 N5 O6 P'
DG DNA linking 2'-DEOXYGUANOSINE-5'-MONOPHOSPHATE 'C10 H14 N5 O7 P'
DT DNA linking THYMIDINE-5'-MONOPHOSPHATE 'C10 H15 N2 O8 P'
GOL non-polymer GLYCEROL 'C3 H8 O3'
SAH non-polymer S-ADENOSYL-L-HOMOCYSTEINE 'C14 H20 N6 O5 S'
#
# COMPACT_ATOMS: atom_id res chain seq x y z
N GLU A 1 -15.09 22.65 6.52
CA GLU A 1 -15.37 21.48 7.36
C GLU A 1 -14.25 20.44 7.29
N PRO A 2 -13.97 19.76 8.40
CA PRO A 2 -12.94 18.73 8.38
C PRO A 2 -13.34 17.52 7.54
N ILE A 3 -12.34 16.74 7.14
CA ILE A 3 -12.57 15.53 6.37
C ILE A 3 -12.97 14.41 7.32
N ARG A 4 -14.19 13.92 7.18
CA ARG A 4 -14.66 12.76 7.94
C ARG A 4 -14.35 11.49 7.15
N LEU A 5 -13.78 10.50 7.83
CA LEU A 5 -13.54 9.22 7.18
C LEU A 5 -14.86 8.51 6.94
N PRO A 6 -15.00 7.80 5.83
CA PRO A 6 -16.25 7.08 5.57
C PRO A 6 -16.32 5.78 6.36
N ASN A 7 -17.52 5.49 6.87
CA ASN A 7 -17.77 4.26 7.62
C ASN A 7 -18.99 3.60 7.01
N PRO A 8 -18.85 2.47 6.30
CA PRO A 8 -17.58 1.73 6.14
C PRO A 8 -16.60 2.37 5.16
N MET A 9 -15.32 2.07 5.35
CA MET A 9 -14.27 2.68 4.54
C MET A 9 -14.14 1.90 3.23
N ILE A 10 -15.10 2.15 2.33
CA ILE A 10 -15.19 1.45 1.06
C ILE A 10 -14.91 2.36 -0.13
N GLY A 11 -14.49 3.59 0.10
CA GLY A 11 -14.25 4.50 -1.02
C GLY A 11 -15.48 4.67 -1.88
N PHE A 12 -15.28 4.63 -3.19
CA PHE A 12 -16.41 4.67 -4.10
C PHE A 12 -17.04 3.30 -4.32
N GLY A 13 -16.66 2.31 -3.52
CA GLY A 13 -17.18 0.96 -3.69
C GLY A 13 -16.08 -0.09 -3.69
N VAL A 14 -16.36 -1.25 -3.12
CA VAL A 14 -15.44 -2.37 -3.16
C VAL A 14 -16.21 -3.61 -3.60
N PRO A 15 -15.50 -4.64 -4.07
CA PRO A 15 -16.19 -5.86 -4.51
C PRO A 15 -17.01 -6.50 -3.40
N ASN A 16 -18.14 -7.08 -3.79
CA ASN A 16 -18.99 -7.88 -2.90
C ASN A 16 -19.59 -7.06 -1.76
N GLU A 17 -19.58 -5.73 -1.84
CA GLU A 17 -20.19 -4.91 -0.82
C GLU A 17 -21.15 -3.90 -1.45
N PRO A 18 -22.19 -3.50 -0.72
CA PRO A 18 -23.11 -2.48 -1.25
C PRO A 18 -22.46 -1.10 -1.25
N GLY A 19 -23.07 -0.19 -2.01
CA GLY A 19 -22.67 1.19 -1.99
C GLY A 19 -21.69 1.61 -3.05
N LEU A 20 -21.61 0.86 -4.16
CA LEU A 20 -20.73 1.24 -5.24
C LEU A 20 -21.24 2.52 -5.90
N ILE A 21 -20.34 3.47 -6.13
CA ILE A 21 -20.62 4.70 -6.85
C ILE A 21 -19.89 4.63 -8.17
N THR A 22 -20.60 4.87 -9.27
CA THR A 22 -20.04 4.72 -10.60
C THR A 22 -19.63 6.05 -11.23
N HIS A 23 -20.01 7.17 -10.63
CA HIS A 23 -19.71 8.47 -11.22
C HIS A 23 -19.46 9.48 -10.11
N ARG A 24 -18.47 10.34 -10.33
CA ARG A 24 -18.21 11.48 -9.47
C ARG A 24 -17.96 12.70 -10.35
N SER A 25 -17.99 13.86 -9.73
CA SER A 25 -17.71 15.12 -10.41
C SER A 25 -16.37 15.63 -9.91
N LEU A 26 -15.42 15.73 -10.80
CA LEU A 26 -14.10 16.22 -10.43
C LEU A 26 -13.94 17.68 -10.79
N PRO A 27 -13.16 18.41 -9.99
CA PRO A 27 -12.88 19.80 -10.34
C PRO A 27 -12.13 19.89 -11.66
N GLU A 28 -12.32 21.02 -12.34
CA GLU A 28 -11.74 21.20 -13.68
C GLU A 28 -10.23 21.09 -13.65
N LEU A 29 -9.58 21.65 -12.63
CA LEU A 29 -8.13 21.60 -12.55
C LEU A 29 -7.60 20.21 -12.23
N ALA A 30 -8.44 19.34 -11.66
CA ALA A 30 -8.01 18.01 -11.23
C ALA A 30 -7.71 17.07 -12.38
N ARG A 31 -8.13 17.47 -13.59
CA ARG A 31 -8.51 16.68 -14.77
C ARG A 31 -7.22 16.35 -15.52
N GLY A 32 -7.12 15.10 -16.01
CA GLY A 32 -5.97 14.71 -16.80
C GLY A 32 -6.02 15.29 -18.20
N PRO A 33 -4.96 15.04 -19.01
CA PRO A 33 -3.76 14.27 -18.69
C PRO A 33 -2.75 15.12 -17.93
N PRO A 34 -1.89 14.47 -17.14
CA PRO A 34 -1.86 13.01 -16.96
C PRO A 34 -2.87 12.53 -15.93
N PHE A 35 -3.16 11.22 -15.95
CA PHE A 35 -3.75 10.60 -14.77
C PHE A 35 -2.70 10.55 -13.68
N PHE A 36 -3.15 10.67 -12.44
CA PHE A 36 -2.24 10.57 -11.31
C PHE A 36 -2.96 9.88 -10.16
N TYR A 37 -2.17 9.25 -9.30
CA TYR A 37 -2.67 8.39 -8.24
C TYR A 37 -1.75 8.59 -7.05
N TYR A 38 -2.30 9.12 -5.96
CA TYR A 38 -1.54 9.42 -4.77
C TYR A 38 -2.08 8.61 -3.61
N GLU A 39 -1.17 8.04 -2.80
CA GLU A 39 -1.53 7.19 -1.69
C GLU A 39 -0.86 7.67 -0.41
N ASN A 40 -1.59 7.57 0.71
CA ASN A 40 -0.98 7.70 2.02
C ASN A 40 -1.88 7.06 3.06
N VAL A 41 -1.37 6.99 4.29
CA VAL A 41 -2.17 6.44 5.39
C VAL A 41 -3.37 7.34 5.65
N ALA A 42 -4.49 6.71 5.98
CA ALA A 42 -5.70 7.47 6.25
C ALA A 42 -5.69 8.09 7.63
N LEU A 43 -5.00 7.49 8.60
CA LEU A 43 -5.11 7.88 10.00
C LEU A 43 -3.93 8.77 10.39
N THR A 44 -3.99 9.99 9.89
CA THR A 44 -2.98 11.01 10.06
C THR A 44 -3.32 11.90 11.23
N PRO A 45 -2.39 12.77 11.65
CA PRO A 45 -2.79 13.86 12.54
C PRO A 45 -3.83 14.73 11.85
N LYS A 46 -4.57 15.49 12.66
CA LYS A 46 -5.67 16.28 12.15
C LYS A 46 -5.17 17.30 11.13
N GLY A 47 -5.91 17.47 10.04
CA GLY A 47 -5.67 18.51 9.07
C GLY A 47 -4.81 18.11 7.90
N VAL A 48 -4.20 16.93 7.96
CA VAL A 48 -3.20 16.53 6.98
C VAL A 48 -3.84 16.27 5.61
N TRP A 49 -4.90 15.45 5.59
CA TRP A 49 -5.51 15.16 4.29
C TRP A 49 -6.18 16.39 3.70
N GLU A 50 -6.63 17.31 4.55
CA GLU A 50 -7.14 18.58 4.05
C GLU A 50 -6.06 19.34 3.30
N THR A 51 -4.84 19.34 3.82
CA THR A 51 -3.73 19.99 3.15
C THR A 51 -3.33 19.23 1.87
N ILE A 52 -3.29 17.91 1.94
CA ILE A 52 -2.94 17.11 0.77
C ILE A 52 -3.95 17.35 -0.35
N SER A 53 -5.24 17.37 0.00
CA SER A 53 -6.29 17.64 -0.98
C SER A 53 -6.16 19.04 -1.56
N ARG A 54 -5.82 20.02 -0.72
CA ARG A 54 -5.67 21.39 -1.18
C ARG A 54 -4.57 21.51 -2.23
N HIS A 55 -3.51 20.71 -2.10
CA HIS A 55 -2.40 20.77 -3.05
C HIS A 55 -2.59 19.82 -4.23
N LEU A 56 -3.58 18.94 -4.16
CA LEU A 56 -3.92 18.07 -5.27
C LEU A 56 -5.30 18.49 -5.80
N PHE A 57 -5.46 19.79 -6.01
CA PHE A 57 -6.56 20.36 -6.80
C PHE A 57 -7.91 20.15 -6.13
N GLU A 58 -7.92 20.03 -4.81
CA GLU A 58 -9.14 19.89 -4.00
C GLU A 58 -9.91 18.59 -4.28
N ILE A 59 -9.25 17.59 -4.84
CA ILE A 59 -9.90 16.28 -5.03
C ILE A 59 -10.14 15.64 -3.67
N PRO A 60 -11.38 15.31 -3.32
CA PRO A 60 -11.64 14.53 -2.11
C PRO A 60 -10.93 13.18 -2.15
N PRO A 61 -10.24 12.82 -1.09
CA PRO A 61 -9.59 11.49 -1.04
C PRO A 61 -10.63 10.38 -1.08
N GLU A 62 -10.23 9.26 -1.67
CA GLU A 62 -11.01 8.02 -1.64
C GLU A 62 -10.38 7.14 -0.55
N PHE A 63 -11.07 7.00 0.58
CA PHE A 63 -10.57 6.22 1.70
C PHE A 63 -11.07 4.78 1.58
N VAL A 64 -10.14 3.83 1.56
CA VAL A 64 -10.43 2.41 1.34
C VAL A 64 -9.63 1.58 2.32
N ASP A 65 -10.30 0.70 3.04
CA ASP A 65 -9.65 -0.31 3.87
C ASP A 65 -9.44 -1.56 3.03
N SER A 66 -8.19 -1.99 2.91
CA SER A 66 -7.87 -3.18 2.12
C SER A 66 -8.38 -4.47 2.73
N LYS A 67 -8.99 -4.44 3.91
CA LYS A 67 -9.62 -5.64 4.43
C LYS A 67 -10.73 -6.12 3.51
N TYR A 68 -11.22 -5.26 2.62
CA TYR A 68 -12.19 -5.72 1.63
C TYR A 68 -11.53 -6.39 0.44
N PHE A 69 -10.20 -6.43 0.39
CA PHE A 69 -9.46 -7.04 -0.70
C PHE A 69 -8.54 -8.17 -0.26
N CYS A 70 -8.33 -8.34 1.04
CA CYS A 70 -7.40 -9.36 1.55
C CYS A 70 -7.70 -9.57 3.02
N VAL A 71 -6.86 -10.37 3.68
CA VAL A 71 -7.11 -10.74 5.08
C VAL A 71 -6.68 -9.67 6.08
N ALA A 72 -5.85 -8.71 5.68
CA ALA A 72 -5.32 -7.71 6.59
C ALA A 72 -5.86 -6.33 6.27
N ALA A 73 -6.30 -5.63 7.31
CA ALA A 73 -6.76 -4.26 7.17
C ALA A 73 -5.62 -3.37 6.67
N ARG A 74 -6.01 -2.33 5.94
CA ARG A 74 -5.05 -1.31 5.50
C ARG A 74 -5.90 -0.09 5.12
N LYS A 75 -6.01 0.84 6.05
CA LYS A 75 -6.86 2.02 5.91
C LYS A 75 -6.04 3.12 5.24
N ARG A 76 -6.27 3.32 3.94
CA ARG A 76 -5.46 4.20 3.12
C ARG A 76 -6.34 5.24 2.44
N GLY A 77 -5.76 6.40 2.20
CA GLY A 77 -6.40 7.45 1.41
C GLY A 77 -5.77 7.50 0.02
N TYR A 78 -6.62 7.70 -0.98
CA TYR A 78 -6.19 7.72 -2.38
C TYR A 78 -6.78 8.94 -3.07
N ILE A 79 -5.91 9.84 -3.50
CA ILE A 79 -6.32 10.97 -4.31
C ILE A 79 -5.89 10.68 -5.73
N HIS A 80 -6.86 10.75 -6.65
CA HIS A 80 -6.59 10.42 -8.04
C HIS A 80 -7.66 11.10 -8.90
N ASN A 81 -7.38 11.18 -10.20
CA ASN A 81 -8.31 11.77 -11.16
C ASN A 81 -8.77 10.72 -12.17
N LEU A 82 -8.78 9.47 -11.75
CA LEU A 82 -9.17 8.37 -12.62
C LEU A 82 -10.68 8.27 -12.74
N PRO A 83 -11.18 7.73 -13.85
CA PRO A 83 -12.59 7.33 -13.87
C PRO A 83 -12.81 6.20 -12.86
N ILE A 84 -14.01 6.17 -12.29
CA ILE A 84 -14.36 5.24 -11.22
C ILE A 84 -15.41 4.24 -11.64
N ASN A 85 -15.84 4.26 -12.89
CA ASN A 85 -16.80 3.28 -13.38
C ASN A 85 -16.06 2.14 -14.07
N ASN A 86 -16.66 0.95 -14.02
CA ASN A 86 -16.15 -0.23 -14.70
C ASN A 86 -14.77 -0.64 -14.17
N ARG A 87 -14.56 -0.46 -12.86
CA ARG A 87 -13.43 -1.10 -12.20
C ARG A 87 -13.64 -2.60 -12.16
N PHE A 88 -12.53 -3.35 -12.12
CA PHE A 88 -12.57 -4.80 -11.95
C PHE A 88 -11.37 -5.22 -11.11
N GLN A 89 -11.52 -6.37 -10.45
CA GLN A 89 -10.44 -6.86 -9.59
C GLN A 89 -9.54 -7.81 -10.37
N ILE A 90 -8.29 -7.90 -9.93
CA ILE A 90 -7.40 -8.90 -10.51
C ILE A 90 -7.74 -10.26 -9.91
N GLN A 91 -7.52 -11.31 -10.70
CA GLN A 91 -7.98 -12.62 -10.38
C GLN A 91 -6.82 -13.60 -10.26
N PRO A 92 -6.88 -14.55 -9.33
CA PRO A 92 -7.94 -14.63 -8.33
C PRO A 92 -7.64 -13.74 -7.15
N PRO A 93 -8.66 -13.29 -6.44
CA PRO A 93 -8.42 -12.42 -5.29
C PRO A 93 -7.80 -13.23 -4.17
N PRO A 94 -7.03 -12.59 -3.29
CA PRO A 94 -6.37 -13.33 -2.20
C PRO A 94 -7.40 -13.84 -1.20
N LYS A 95 -6.95 -14.77 -0.35
CA LYS A 95 -7.84 -15.32 0.66
C LYS A 95 -8.36 -14.20 1.56
N TYR A 96 -9.64 -14.29 1.88
CA TYR A 96 -10.36 -13.21 2.57
C TYR A 96 -10.28 -13.31 4.10
N THR A 97 -10.30 -14.53 4.65
CA THR A 97 -10.35 -14.75 6.08
C THR A 97 -9.07 -15.42 6.57
N ILE A 98 -8.86 -15.35 7.88
CA ILE A 98 -7.69 -15.99 8.47
C ILE A 98 -7.75 -17.50 8.26
N HIS A 99 -8.96 -18.07 8.38
CA HIS A 99 -9.13 -19.50 8.22
C HIS A 99 -8.62 -19.98 6.86
N ASP A 100 -8.93 -19.25 5.80
CA ASP A 100 -8.48 -19.66 4.47
C ASP A 100 -7.05 -19.19 4.19
N ALA A 101 -6.67 -18.03 4.72
CA ALA A 101 -5.34 -17.49 4.47
C ALA A 101 -4.26 -18.25 5.24
N PHE A 102 -4.62 -18.80 6.39
CA PHE A 102 -3.68 -19.55 7.22
C PHE A 102 -4.28 -20.92 7.49
N PRO A 103 -4.17 -21.84 6.52
CA PRO A 103 -4.88 -23.13 6.64
C PRO A 103 -4.40 -23.97 7.81
N LEU A 104 -3.10 -23.93 8.13
CA LEU A 104 -2.58 -24.70 9.25
C LEU A 104 -2.97 -24.10 10.60
N SER A 105 -3.43 -22.85 10.64
CA SER A 105 -3.61 -22.18 11.92
C SER A 105 -4.75 -22.77 12.75
N LYS A 106 -5.73 -23.44 12.12
CA LYS A 106 -6.85 -23.99 12.89
C LYS A 106 -6.41 -25.05 13.88
N ARG A 107 -5.20 -25.60 13.71
CA ARG A 107 -4.68 -26.57 14.67
C ARG A 107 -4.36 -25.91 16.00
N TRP A 108 -3.95 -24.64 15.97
CA TRP A 108 -3.48 -23.94 17.17
C TRP A 108 -4.37 -22.78 17.58
N TRP A 109 -5.37 -22.44 16.79
CA TRP A 109 -6.16 -21.24 17.04
C TRP A 109 -7.13 -21.48 18.20
N PRO A 110 -7.09 -20.66 19.25
CA PRO A 110 -8.02 -20.83 20.36
C PRO A 110 -9.43 -20.39 19.99
N GLU A 111 -10.41 -21.07 20.57
CA GLU A 111 -11.80 -20.74 20.33
C GLU A 111 -12.14 -19.32 20.78
N TRP A 112 -11.45 -18.83 21.81
CA TRP A 112 -11.73 -17.49 22.32
C TRP A 112 -10.99 -16.39 21.56
N ASP A 113 -10.15 -16.73 20.56
CA ASP A 113 -9.60 -15.75 19.63
C ASP A 113 -10.54 -15.70 18.44
N LYS A 114 -11.42 -14.70 18.42
CA LYS A 114 -12.51 -14.60 17.45
C LYS A 114 -12.12 -13.85 16.18
N ARG A 115 -10.85 -13.54 16.00
CA ARG A 115 -10.41 -12.79 14.80
C ARG A 115 -10.65 -13.61 13.54
N THR A 116 -11.27 -13.00 12.55
CA THR A 116 -11.33 -13.54 11.20
C THR A 116 -10.54 -12.67 10.23
N LYS A 117 -9.91 -11.62 10.75
CA LYS A 117 -9.22 -10.62 9.95
C LYS A 117 -8.00 -10.16 10.72
N LEU A 118 -6.91 -9.93 10.01
CA LEU A 118 -5.72 -9.36 10.62
C LEU A 118 -5.77 -7.84 10.56
N ASN A 119 -4.92 -7.21 11.38
CA ASN A 119 -4.78 -5.77 11.38
C ASN A 119 -3.70 -5.37 10.38
N CYS A 120 -3.36 -4.08 10.35
CA CYS A 120 -2.50 -3.55 9.30
C CYS A 120 -1.12 -4.20 9.36
N ILE A 121 -0.53 -4.44 8.18
CA ILE A 121 0.85 -4.90 8.10
C ILE A 121 1.75 -3.67 8.21
N LEU A 122 2.65 -3.68 9.20
CA LEU A 122 3.51 -2.55 9.53
C LEU A 122 4.97 -2.93 9.33
N THR A 123 5.85 -1.95 9.54
CA THR A 123 7.29 -2.17 9.40
C THR A 123 7.92 -2.76 10.65
N CYS A 124 7.21 -2.82 11.76
CA CYS A 124 7.77 -3.29 13.03
C CYS A 124 7.05 -4.57 13.43
N THR A 125 7.81 -5.65 13.56
CA THR A 125 7.27 -6.96 13.85
C THR A 125 7.30 -7.24 15.36
N GLY A 126 6.42 -8.13 15.78
CA GLY A 126 6.43 -8.57 17.17
C GLY A 126 7.67 -9.37 17.49
N SER A 127 8.08 -9.32 18.76
CA SER A 127 9.35 -9.88 19.17
C SER A 127 9.16 -11.31 19.70
N ALA A 128 10.28 -12.03 19.76
CA ALA A 128 10.26 -13.37 20.35
C ALA A 128 9.95 -13.32 21.84
N GLN A 129 10.35 -12.23 22.52
CA GLN A 129 10.02 -12.08 23.93
C GLN A 129 8.52 -11.97 24.14
N LEU A 130 7.82 -11.33 23.21
CA LEU A 130 6.37 -11.25 23.31
C LEU A 130 5.74 -12.62 23.15
N THR A 131 6.22 -13.39 22.18
CA THR A 131 5.73 -14.76 22.02
C THR A 131 5.91 -15.57 23.30
N ASN A 132 7.09 -15.46 23.92
CA ASN A 132 7.32 -16.17 25.17
C ASN A 132 6.38 -15.70 26.28
N ARG A 133 6.19 -14.38 26.41
CA ARG A 133 5.32 -13.86 27.47
C ARG A 133 3.90 -14.39 27.32
N ILE A 134 3.43 -14.51 26.08
CA ILE A 134 2.09 -15.05 25.85
C ILE A 134 2.07 -16.55 26.16
N ARG A 135 3.12 -17.27 25.77
CA ARG A 135 3.18 -18.69 26.06
C ARG A 135 3.23 -18.96 27.55
N VAL A 136 4.04 -18.18 28.27
CA VAL A 136 4.15 -18.35 29.72
C VAL A 136 2.82 -18.02 30.39
N ALA A 137 2.09 -17.02 29.88
CA ALA A 137 0.83 -16.65 30.48
C ALA A 137 -0.24 -17.72 30.31
N LEU A 138 -0.14 -18.54 29.26
CA LEU A 138 -1.16 -19.52 28.95
C LEU A 138 -0.88 -20.91 29.52
N GLU A 139 0.37 -21.23 29.80
CA GLU A 139 0.74 -22.59 30.16
C GLU A 139 0.18 -23.08 31.50
N PRO A 140 0.00 -22.22 32.51
CA PRO A 140 -0.62 -22.72 33.76
C PRO A 140 -2.06 -23.16 33.59
N TYR A 141 -2.58 -23.14 32.36
CA TYR A 141 -3.97 -23.52 32.10
C TYR A 141 -4.04 -24.53 30.95
N ASN A 142 -2.98 -25.31 30.75
CA ASN A 142 -2.92 -26.21 29.60
C ASN A 142 -3.97 -27.32 29.68
N GLU A 143 -4.15 -27.91 30.85
CA GLU A 143 -5.16 -28.95 31.03
C GLU A 143 -6.49 -28.40 31.52
N GLU A 144 -6.59 -27.09 31.74
CA GLU A 144 -7.88 -26.45 31.91
C GLU A 144 -8.51 -26.24 30.53
N PRO A 145 -9.84 -26.41 30.41
CA PRO A 145 -10.45 -26.25 29.08
C PRO A 145 -10.32 -24.85 28.50
N GLU A 146 -10.02 -23.85 29.32
CA GLU A 146 -9.99 -22.46 28.89
C GLU A 146 -9.33 -21.61 29.97
N PRO A 147 -8.41 -20.71 29.61
CA PRO A 147 -7.80 -19.83 30.60
C PRO A 147 -8.81 -18.80 31.11
N PRO A 148 -8.58 -18.21 32.27
CA PRO A 148 -9.51 -17.20 32.78
C PRO A 148 -9.56 -15.98 31.87
N LYS A 149 -10.57 -15.14 32.10
CA LYS A 149 -10.86 -14.04 31.18
C LYS A 149 -9.74 -13.02 31.16
N HIS A 150 -9.16 -12.69 32.33
CA HIS A 150 -8.14 -11.65 32.36
C HIS A 150 -6.86 -12.08 31.64
N VAL A 151 -6.55 -13.37 31.66
CA VAL A 151 -5.43 -13.87 30.86
C VAL A 151 -5.79 -13.84 29.39
N GLN A 152 -7.01 -14.26 29.05
CA GLN A 152 -7.46 -14.19 27.66
C GLN A 152 -7.37 -12.77 27.12
N ARG A 153 -7.81 -11.80 27.91
CA ARG A 153 -7.80 -10.40 27.49
C ARG A 153 -6.39 -9.95 27.13
N TYR A 154 -5.41 -10.27 27.98
CA TYR A 154 -4.03 -9.87 27.72
C TYR A 154 -3.54 -10.47 26.40
N VAL A 155 -3.78 -11.76 26.18
CA VAL A 155 -3.29 -12.41 24.98
C VAL A 155 -3.96 -11.85 23.74
N ILE A 156 -5.29 -11.71 23.78
CA ILE A 156 -6.04 -11.23 22.62
C ILE A 156 -5.55 -9.83 22.23
N ASP A 157 -5.43 -8.95 23.22
CA ASP A 157 -5.02 -7.58 22.91
C ASP A 157 -3.57 -7.52 22.43
N GLN A 158 -2.72 -8.44 22.88
CA GLN A 158 -1.37 -8.50 22.35
C GLN A 158 -1.33 -9.10 20.95
N CYS A 159 -2.19 -10.07 20.65
CA CYS A 159 -2.23 -10.63 19.29
C CYS A 159 -2.73 -9.61 18.29
N LYS A 160 -3.72 -8.80 18.69
CA LYS A 160 -4.22 -7.75 17.81
C LYS A 160 -3.18 -6.66 17.65
N LYS A 161 -2.64 -6.16 18.77
CA LYS A 161 -1.71 -5.04 18.74
C LYS A 161 -0.48 -5.34 17.88
N TRP A 162 -0.05 -6.60 17.84
CA TRP A 162 1.16 -6.99 17.11
C TRP A 162 0.86 -7.92 15.94
N ASN A 163 -0.41 -8.12 15.58
CA ASN A 163 -0.79 -8.88 14.39
C ASN A 163 -0.22 -10.30 14.40
N LEU A 164 -0.43 -11.01 15.51
CA LEU A 164 0.15 -12.33 15.70
C LEU A 164 -0.82 -13.41 15.26
N VAL A 165 -0.25 -14.53 14.76
CA VAL A 165 -1.03 -15.69 14.36
C VAL A 165 -0.54 -16.91 15.13
N TRP A 166 -1.46 -17.84 15.40
CA TRP A 166 -1.16 -19.01 16.21
C TRP A 166 -0.45 -20.04 15.35
N VAL A 167 0.77 -20.41 15.74
CA VAL A 167 1.61 -21.29 14.93
C VAL A 167 2.08 -22.52 15.69
N GLY A 168 1.91 -22.57 17.01
CA GLY A 168 2.32 -23.71 17.80
C GLY A 168 1.52 -23.72 19.09
N LYS A 169 1.82 -24.66 19.98
CA LYS A 169 1.12 -24.75 21.25
C LYS A 169 1.37 -23.49 22.07
N ASN A 170 0.29 -22.76 22.36
CA ASN A 170 0.36 -21.51 23.11
C ASN A 170 1.37 -20.53 22.49
N LYS A 171 1.53 -20.60 21.17
CA LYS A 171 2.55 -19.83 20.47
C LYS A 171 1.87 -18.94 19.44
N ALA A 172 1.87 -17.63 19.71
CA ALA A 172 1.39 -16.63 18.77
C ALA A 172 2.60 -15.86 18.24
N ALA A 173 2.81 -15.92 16.93
CA ALA A 173 4.00 -15.36 16.32
C ALA A 173 3.62 -14.40 15.20
N PRO A 174 4.48 -13.43 14.92
CA PRO A 174 4.19 -12.48 13.84
C PRO A 174 4.26 -13.12 12.47
N LEU A 175 3.82 -12.36 11.47
CA LEU A 175 3.81 -12.82 10.10
C LEU A 175 5.24 -12.91 9.56
N GLU A 176 5.45 -13.89 8.70
CA GLU A 176 6.72 -14.02 7.99
C GLU A 176 6.72 -13.13 6.75
N PRO A 177 7.91 -12.77 6.25
CA PRO A 177 7.97 -11.93 5.06
C PRO A 177 7.15 -12.46 3.89
N ASP A 178 7.25 -13.76 3.60
CA ASP A 178 6.52 -14.29 2.45
C ASP A 178 5.02 -14.23 2.69
N GLU A 179 4.60 -14.28 3.95
CA GLU A 179 3.17 -14.15 4.25
C GLU A 179 2.70 -12.73 4.02
N MET A 180 3.48 -11.74 4.48
CA MET A 180 3.21 -10.34 4.15
C MET A 180 3.17 -10.12 2.64
N GLU A 181 4.14 -10.68 1.92
CA GLU A 181 4.17 -10.58 0.46
C GLU A 181 2.86 -11.04 -0.15
N SER A 182 2.37 -12.20 0.28
CA SER A 182 1.17 -12.75 -0.33
C SER A 182 -0.07 -11.93 0.03
N ILE A 183 -0.18 -11.51 1.29
CA ILE A 183 -1.33 -10.70 1.69
C ILE A 183 -1.32 -9.34 0.99
N LEU A 184 -0.14 -8.76 0.79
CA LEU A 184 -0.06 -7.49 0.08
C LEU A 184 -0.15 -7.65 -1.43
N GLY A 185 -0.30 -8.88 -1.93
CA GLY A 185 -0.58 -9.08 -3.34
C GLY A 185 0.62 -9.20 -4.23
N PHE A 186 1.80 -9.33 -3.68
CA PHE A 186 3.01 -9.51 -4.46
C PHE A 186 3.26 -10.99 -4.70
N PRO A 187 3.94 -11.34 -5.80
CA PRO A 187 4.32 -12.74 -6.02
C PRO A 187 5.34 -13.20 -4.97
N LYS A 188 5.32 -14.50 -4.69
CA LYS A 188 6.19 -15.03 -3.65
C LYS A 188 7.66 -14.80 -4.00
N ASN A 189 8.43 -14.43 -2.99
CA ASN A 189 9.86 -14.12 -3.13
C ASN A 189 10.13 -12.86 -3.93
N HIS A 190 9.11 -12.01 -4.11
CA HIS A 190 9.30 -10.75 -4.80
C HIS A 190 10.38 -9.91 -4.14
N THR A 191 10.39 -9.87 -2.81
CA THR A 191 11.36 -9.09 -2.05
C THR A 191 12.49 -9.94 -1.49
N ARG A 192 12.65 -11.16 -1.99
CA ARG A 192 13.79 -12.00 -1.65
C ARG A 192 14.78 -11.88 -2.79
N GLY A 193 16.00 -11.49 -2.49
CA GLY A 193 17.01 -11.21 -3.48
C GLY A 193 17.34 -9.73 -3.52
N GLY A 194 18.15 -9.38 -4.51
CA GLY A 194 18.52 -7.98 -4.70
C GLY A 194 19.29 -7.38 -3.54
N GLY A 195 19.96 -8.22 -2.75
CA GLY A 195 20.67 -7.75 -1.57
C GLY A 195 19.78 -7.35 -0.41
N MET A 196 18.48 -7.62 -0.48
CA MET A 196 17.56 -7.24 0.59
C MET A 196 17.73 -8.21 1.76
N SER A 197 17.99 -7.66 2.94
CA SER A 197 18.04 -8.47 4.15
C SER A 197 16.63 -8.75 4.67
N ARG A 198 16.53 -9.78 5.51
CA ARG A 198 15.22 -10.11 6.09
C ARG A 198 14.67 -8.92 6.87
N THR A 199 15.54 -8.21 7.59
CA THR A 199 15.12 -7.00 8.31
C THR A 199 14.58 -5.95 7.34
N GLU A 200 15.32 -5.68 6.26
CA GLU A 200 14.86 -4.71 5.28
C GLU A 200 13.60 -5.17 4.57
N ARG A 201 13.43 -6.49 4.38
CA ARG A 201 12.21 -6.99 3.78
C ARG A 201 10.99 -6.57 4.59
N PHE A 202 11.08 -6.71 5.92
CA PHE A 202 9.98 -6.30 6.79
C PHE A 202 9.63 -4.84 6.59
N LYS A 203 10.64 -3.97 6.52
CA LYS A 203 10.38 -2.54 6.39
C LYS A 203 9.78 -2.22 5.03
N SER A 204 10.38 -2.74 3.95
CA SER A 204 9.88 -2.45 2.61
C SER A 204 8.46 -2.97 2.42
N LEU A 205 8.18 -4.18 2.92
CA LEU A 205 6.83 -4.72 2.81
C LEU A 205 5.84 -3.88 3.60
N GLY A 206 6.20 -3.52 4.83
CA GLY A 206 5.32 -2.68 5.64
C GLY A 206 5.03 -1.32 5.03
N ASN A 207 5.92 -0.80 4.19
CA ASN A 207 5.71 0.51 3.59
C ASN A 207 4.88 0.46 2.32
N SER A 208 4.58 -0.72 1.78
CA SER A 208 4.19 -0.87 0.39
C SER A 208 2.68 -0.73 0.18
N PHE A 209 2.26 -0.84 -1.08
CA PHE A 209 0.86 -0.89 -1.47
C PHE A 209 0.27 -2.27 -1.17
N GLN A 210 -1.05 -2.32 -1.02
CA GLN A 210 -1.80 -3.56 -1.17
C GLN A 210 -2.17 -3.66 -2.64
N VAL A 211 -1.53 -4.59 -3.37
CA VAL A 211 -1.57 -4.55 -4.83
C VAL A 211 -3.00 -4.69 -5.35
N ASP A 212 -3.80 -5.58 -4.75
CA ASP A 212 -5.17 -5.81 -5.23
C ASP A 212 -6.03 -4.57 -5.11
N THR A 213 -5.83 -3.78 -4.05
CA THR A 213 -6.58 -2.55 -3.88
C THR A 213 -6.22 -1.54 -4.97
N VAL A 214 -4.92 -1.34 -5.19
CA VAL A 214 -4.44 -0.39 -6.18
C VAL A 214 -4.79 -0.85 -7.58
N ALA A 215 -4.61 -2.15 -7.86
CA ALA A 215 -4.98 -2.70 -9.16
C ALA A 215 -6.45 -2.47 -9.46
N TYR A 216 -7.30 -2.66 -8.45
CA TYR A 216 -8.73 -2.43 -8.64
C TYR A 216 -9.01 -0.98 -9.05
N HIS A 217 -8.27 -0.02 -8.48
CA HIS A 217 -8.45 1.36 -8.89
C HIS A 217 -7.89 1.61 -10.29
N LEU A 218 -6.69 1.09 -10.58
CA LEU A 218 -6.05 1.32 -11.86
C LEU A 218 -6.67 0.53 -13.00
N SER A 219 -7.59 -0.40 -12.71
CA SER A 219 -8.15 -1.26 -13.75
C SER A 219 -8.83 -0.46 -14.85
N VAL A 220 -9.34 0.74 -14.53
CA VAL A 220 -10.05 1.57 -15.50
C VAL A 220 -9.15 2.01 -16.64
N LEU A 221 -7.84 1.95 -16.45
CA LEU A 221 -6.90 2.35 -17.48
C LEU A 221 -6.82 1.36 -18.63
N LYS A 222 -7.25 0.11 -18.44
CA LYS A 222 -7.03 -0.90 -19.48
C LYS A 222 -7.74 -0.59 -20.78
N PRO A 223 -9.02 -0.18 -20.79
CA PRO A 223 -9.63 0.23 -22.07
C PRO A 223 -9.11 1.56 -22.59
N ILE A 224 -8.55 2.41 -21.74
CA ILE A 224 -8.13 3.73 -22.20
C ILE A 224 -6.84 3.64 -23.02
N PHE A 225 -5.91 2.75 -22.63
CA PHE A 225 -4.58 2.68 -23.22
C PHE A 225 -4.30 1.28 -23.76
N PRO A 226 -4.87 0.92 -24.91
CA PRO A 226 -4.65 -0.44 -25.46
C PRO A 226 -3.20 -0.73 -25.80
N HIS A 227 -2.37 0.28 -26.01
CA HIS A 227 -0.99 0.09 -26.41
C HIS A 227 -0.01 0.30 -25.27
N GLY A 228 -0.50 0.39 -24.04
CA GLY A 228 0.37 0.60 -22.90
C GLY A 228 0.57 2.07 -22.55
N ILE A 229 1.32 2.30 -21.48
CA ILE A 229 1.45 3.63 -20.89
C ILE A 229 2.90 3.95 -20.56
N ASN A 230 3.20 5.24 -20.55
CA ASN A 230 4.42 5.77 -19.94
C ASN A 230 4.09 6.13 -18.49
N VAL A 231 4.81 5.55 -17.54
CA VAL A 231 4.53 5.71 -16.11
C VAL A 231 5.64 6.53 -15.47
N LEU A 232 5.25 7.48 -14.61
CA LEU A 232 6.19 8.15 -13.73
C LEU A 232 5.90 7.64 -12.33
N SER A 233 6.84 6.88 -11.78
CA SER A 233 6.66 6.18 -10.50
C SER A 233 7.49 6.90 -9.46
N LEU A 234 6.83 7.59 -8.53
CA LEU A 234 7.48 8.33 -7.48
C LEU A 234 7.39 7.57 -6.16
N PHE A 235 8.49 7.54 -5.42
CA PHE A 235 8.59 6.73 -4.21
C PHE A 235 8.17 5.29 -4.50
N THR A 236 8.83 4.72 -5.50
CA THR A 236 8.39 3.43 -6.06
C THR A 236 8.38 2.32 -5.02
N GLY A 237 9.39 2.28 -4.15
CA GLY A 237 9.44 1.21 -3.17
C GLY A 237 9.77 -0.11 -3.85
N ILE A 238 8.97 -1.13 -3.56
CA ILE A 238 9.22 -2.46 -4.12
C ILE A 238 8.34 -2.65 -5.35
N GLY A 239 7.73 -1.56 -5.80
CA GLY A 239 7.04 -1.56 -7.08
C GLY A 239 5.59 -2.01 -7.02
N GLY A 240 4.87 -1.64 -5.96
CA GLY A 240 3.46 -2.00 -5.86
C GLY A 240 2.65 -1.56 -7.06
N GLY A 241 2.84 -0.33 -7.52
CA GLY A 241 2.10 0.15 -8.68
C GLY A 241 2.44 -0.63 -9.94
N GLU A 242 3.72 -0.99 -10.10
CA GLU A 242 4.16 -1.73 -11.28
C GLU A 242 3.62 -3.15 -11.27
N VAL A 243 3.63 -3.80 -10.11
CA VAL A 243 3.04 -5.14 -10.02
C VAL A 243 1.57 -5.08 -10.35
N ALA A 244 0.88 -4.05 -9.87
CA ALA A 244 -0.54 -3.91 -10.14
C ALA A 244 -0.80 -3.81 -11.65
N LEU A 245 -0.07 -2.93 -12.32
CA LEU A 245 -0.22 -2.79 -13.78
C LEU A 245 0.12 -4.09 -14.48
N HIS A 246 1.18 -4.77 -14.03
CA HIS A 246 1.52 -6.08 -14.57
C HIS A 246 0.36 -7.05 -14.42
N ARG A 247 -0.25 -7.11 -13.24
CA ARG A 247 -1.36 -8.05 -13.06
C ARG A 247 -2.58 -7.65 -13.89
N LEU A 248 -2.74 -6.36 -14.19
CA LEU A 248 -3.82 -5.89 -15.03
C LEU A 248 -3.57 -6.12 -16.52
N GLN A 249 -2.39 -6.64 -16.88
CA GLN A 249 -2.00 -6.80 -18.28
C GLN A 249 -2.04 -5.47 -19.03
N ILE A 250 -1.62 -4.41 -18.35
CA ILE A 250 -1.50 -3.10 -18.98
C ILE A 250 -0.01 -2.88 -19.27
N LYS A 251 0.35 -2.87 -20.54
CA LYS A 251 1.76 -2.78 -20.91
C LYS A 251 2.42 -1.50 -20.40
N MET A 252 3.57 -1.65 -19.77
CA MET A 252 4.36 -0.50 -19.33
C MET A 252 5.42 -0.27 -20.41
N LYS A 253 5.14 0.65 -21.33
CA LYS A 253 6.13 1.04 -22.32
C LYS A 253 7.36 1.64 -21.67
N LEU A 254 7.17 2.41 -20.61
CA LEU A 254 8.24 3.10 -19.92
C LEU A 254 7.85 3.25 -18.47
N VAL A 255 8.78 2.98 -17.57
CA VAL A 255 8.63 3.34 -16.16
C VAL A 255 9.86 4.16 -15.77
N VAL A 256 9.65 5.41 -15.41
CA VAL A 256 10.68 6.21 -14.78
C VAL A 256 10.40 6.14 -13.29
N SER A 257 11.30 5.49 -12.56
CA SER A 257 11.13 5.22 -11.14
C SER A 257 12.03 6.15 -10.33
N VAL A 258 11.49 6.67 -9.23
CA VAL A 258 12.24 7.51 -8.29
C VAL A 258 12.12 6.87 -6.93
N GLU A 259 13.23 6.35 -6.41
CA GLU A 259 13.20 5.55 -5.18
C GLU A 259 14.60 5.58 -4.59
N ILE A 260 14.72 6.05 -3.35
CA ILE A 260 16.04 6.34 -2.80
C ILE A 260 16.74 5.11 -2.26
N SER A 261 16.00 4.05 -1.91
CA SER A 261 16.63 2.87 -1.34
C SER A 261 17.25 2.02 -2.43
N LYS A 262 18.55 1.71 -2.28
CA LYS A 262 19.24 0.88 -3.27
C LYS A 262 18.64 -0.52 -3.36
N VAL A 263 18.38 -1.18 -2.21
CA VAL A 263 17.83 -2.53 -2.30
C VAL A 263 16.43 -2.52 -2.92
N ASN A 264 15.65 -1.46 -2.67
CA ASN A 264 14.34 -1.33 -3.31
C ASN A 264 14.49 -1.23 -4.82
N ARG A 265 15.44 -0.41 -5.29
CA ARG A 265 15.70 -0.32 -6.73
C ARG A 265 16.15 -1.66 -7.31
N ASN A 266 16.92 -2.44 -6.54
CA ASN A 266 17.31 -3.77 -7.00
C ASN A 266 16.10 -4.70 -7.12
N ILE A 267 15.18 -4.62 -6.16
CA ILE A 267 14.00 -5.49 -6.20
C ILE A 267 13.14 -5.15 -7.41
N LEU A 268 12.99 -3.86 -7.72
CA LEU A 268 12.21 -3.42 -8.86
C LEU A 268 12.86 -3.87 -10.18
N LYS A 269 14.18 -3.72 -10.29
CA LYS A 269 14.84 -4.17 -11.51
C LYS A 269 14.84 -5.69 -11.63
N ASP A 270 14.95 -6.39 -10.50
CA ASP A 270 14.80 -7.85 -10.52
C ASP A 270 13.42 -8.23 -11.05
N PHE A 271 12.37 -7.54 -10.58
CA PHE A 271 11.02 -7.81 -11.08
C PHE A 271 10.91 -7.49 -12.56
N TRP A 272 11.60 -6.43 -13.01
CA TRP A 272 11.51 -6.04 -14.41
C TRP A 272 12.03 -7.13 -15.33
N GLU A 273 13.11 -7.79 -14.93
CA GLU A 273 13.69 -8.82 -15.79
C GLU A 273 12.98 -10.16 -15.60
N GLN A 274 12.55 -10.47 -14.37
CA GLN A 274 11.94 -11.78 -14.13
C GLN A 274 10.55 -11.87 -14.73
N THR A 275 9.89 -10.75 -14.98
CA THR A 275 8.63 -10.76 -15.71
C THR A 275 8.80 -10.43 -17.19
N ASN A 276 10.04 -10.31 -17.66
CA ASN A 276 10.32 -10.15 -19.09
C ASN A 276 9.63 -8.92 -19.67
N GLN A 277 9.63 -7.82 -18.91
CA GLN A 277 9.11 -6.56 -19.42
C GLN A 277 9.87 -6.13 -20.67
N THR A 278 9.13 -5.86 -21.74
CA THR A 278 9.73 -5.38 -22.97
C THR A 278 9.98 -3.87 -22.96
N GLY A 279 9.29 -3.13 -22.10
CA GLY A 279 9.48 -1.71 -22.00
C GLY A 279 10.76 -1.37 -21.25
N GLU A 280 10.99 -0.07 -21.11
CA GLU A 280 12.23 0.43 -20.50
C GLU A 280 11.98 0.90 -19.08
N LEU A 281 12.89 0.51 -18.19
CA LEU A 281 12.88 0.97 -16.81
C LEU A 281 14.04 1.93 -16.60
N ILE A 282 13.74 3.11 -16.09
CA ILE A 282 14.75 4.10 -15.75
C ILE A 282 14.64 4.36 -14.26
N GLU A 283 15.78 4.29 -13.56
CA GLU A 283 15.78 4.37 -12.10
C GLU A 283 16.54 5.61 -11.66
N PHE A 284 15.85 6.49 -10.93
CA PHE A 284 16.44 7.61 -10.20
C PHE A 284 16.41 7.31 -8.71
N SER A 285 17.30 7.97 -7.98
CA SER A 285 17.42 7.74 -6.54
C SER A 285 16.62 8.75 -5.72
N ASP A 286 17.14 9.97 -5.58
CA ASP A 286 16.57 10.98 -4.70
C ASP A 286 15.66 11.93 -5.48
N ILE A 287 14.38 11.98 -5.10
CA ILE A 287 13.43 12.86 -5.76
C ILE A 287 13.84 14.32 -5.59
N GLN A 288 14.50 14.67 -4.49
CA GLN A 288 14.92 16.06 -4.30
C GLN A 288 15.98 16.50 -5.31
N HIS A 289 16.69 15.56 -5.92
CA HIS A 289 17.71 15.88 -6.91
C HIS A 289 17.20 15.76 -8.33
N LEU A 290 15.96 15.34 -8.51
CA LEU A 290 15.36 15.22 -9.84
C LEU A 290 14.85 16.59 -10.26
N THR A 291 15.51 17.23 -11.22
CA THR A 291 15.15 18.60 -11.56
C THR A 291 13.92 18.63 -12.47
N ASN A 292 13.27 19.79 -12.50
CA ASN A 292 12.12 20.00 -13.37
C ASN A 292 12.50 19.77 -14.83
N ASP A 293 13.66 20.29 -15.24
CA ASP A 293 14.08 20.16 -16.63
C ASP A 293 14.39 18.72 -17.02
N THR A 294 14.84 17.89 -16.08
CA THR A 294 15.01 16.46 -16.36
C THR A 294 13.66 15.80 -16.67
N ILE A 295 12.62 16.12 -15.90
CA ILE A 295 11.29 15.60 -16.20
C ILE A 295 10.85 16.03 -17.59
N GLU A 296 11.06 17.31 -17.93
CA GLU A 296 10.67 17.80 -19.25
C GLU A 296 11.48 17.14 -20.34
N GLY A 297 12.77 16.88 -20.09
CA GLY A 297 13.59 16.17 -21.06
C GLY A 297 13.12 14.75 -21.27
N LEU A 298 12.77 14.05 -20.18
CA LEU A 298 12.26 12.69 -20.33
C LEU A 298 10.97 12.66 -21.12
N MET A 299 10.04 13.57 -20.82
CA MET A 299 8.79 13.64 -21.57
C MET A 299 9.02 13.94 -23.04
N GLU A 300 10.03 14.75 -23.37
CA GLU A 300 10.27 15.05 -24.78
C GLU A 300 10.82 13.82 -25.51
N LYS A 301 11.64 13.02 -24.82
CA LYS A 301 12.18 11.82 -25.46
C LYS A 301 11.10 10.77 -25.66
N TYR A 302 10.30 10.49 -24.61
CA TYR A 302 9.38 9.37 -24.58
C TYR A 302 7.93 9.72 -24.85
N GLY A 303 7.60 11.01 -24.99
CA GLY A 303 6.25 11.44 -25.32
C GLY A 303 5.30 11.66 -24.16
N GLY A 304 5.75 12.20 -23.03
CA GLY A 304 4.88 12.46 -21.91
C GLY A 304 4.62 11.23 -21.05
N PHE A 305 3.95 11.45 -19.92
CA PHE A 305 3.60 10.40 -18.99
C PHE A 305 2.08 10.28 -18.93
N ASP A 306 1.59 9.06 -19.13
CA ASP A 306 0.16 8.81 -19.07
C ASP A 306 -0.34 8.69 -17.62
N LEU A 307 0.55 8.30 -16.70
CA LEU A 307 0.17 8.03 -15.32
C LEU A 307 1.32 8.43 -14.41
N VAL A 308 1.04 9.26 -13.41
CA VAL A 308 1.96 9.55 -12.32
C VAL A 308 1.41 8.88 -11.08
N ILE A 309 2.18 7.99 -10.46
CA ILE A 309 1.69 7.21 -9.33
C ILE A 309 2.75 7.19 -8.25
N GLY A 310 2.31 7.31 -7.00
CA GLY A 310 3.23 7.18 -5.88
C GLY A 310 2.54 7.40 -4.55
N GLY A 311 3.14 6.86 -3.50
CA GLY A 311 2.81 7.22 -2.14
C GLY A 311 4.02 7.79 -1.41
N SER A 312 3.89 9.01 -0.89
CA SER A 312 5.01 9.66 -0.21
C SER A 312 5.09 9.16 1.23
N PRO A 313 6.20 9.39 1.93
CA PRO A 313 6.40 8.78 3.24
C PRO A 313 5.30 9.09 4.24
N CYS A 314 5.04 8.12 5.11
CA CYS A 314 4.02 8.22 6.15
C CYS A 314 4.60 8.30 7.55
N ASN A 315 5.92 8.14 7.70
CA ASN A 315 6.46 7.94 9.04
C ASN A 315 6.15 9.12 9.95
N ASN A 316 6.06 10.34 9.41
CA ASN A 316 5.72 11.50 10.22
C ASN A 316 4.21 11.64 10.41
N LEU A 317 3.43 10.75 9.79
CA LEU A 317 1.99 10.71 9.95
C LEU A 317 1.48 9.51 10.74
N ALA A 318 2.27 8.44 10.83
CA ALA A 318 1.76 7.16 11.32
C ALA A 318 1.67 7.14 12.84
N GLY A 319 0.57 6.58 13.36
CA GLY A 319 0.38 6.50 14.79
C GLY A 319 1.43 5.67 15.51
N GLY A 320 2.10 4.74 14.81
CA GLY A 320 3.15 3.95 15.43
C GLY A 320 4.43 4.72 15.72
N ASN A 321 4.56 5.94 15.19
CA ASN A 321 5.78 6.74 15.33
C ASN A 321 5.74 7.48 16.67
N ARG A 322 6.59 7.04 17.61
CA ARG A 322 6.67 7.70 18.90
C ARG A 322 7.47 9.00 18.85
N VAL A 323 8.41 9.09 17.92
CA VAL A 323 9.44 10.13 17.98
C VAL A 323 9.05 11.35 17.15
N SER A 324 8.61 11.15 15.90
CA SER A 324 8.56 12.26 14.95
C SER A 324 7.23 12.27 14.21
N ARG A 325 6.13 12.01 14.91
CA ARG A 325 4.81 12.13 14.30
C ARG A 325 4.38 13.60 14.28
N VAL A 326 5.16 14.42 13.56
CA VAL A 326 4.95 15.86 13.55
C VAL A 326 4.06 16.30 12.40
N GLY A 327 3.63 15.40 11.53
CA GLY A 327 2.70 15.75 10.49
C GLY A 327 3.35 15.94 9.14
N LEU A 328 2.61 16.61 8.26
CA LEU A 328 2.98 16.68 6.86
C LEU A 328 4.30 17.40 6.62
N GLU A 329 4.73 18.26 7.55
CA GLU A 329 5.97 19.01 7.40
C GLU A 329 7.17 18.31 8.01
N GLY A 330 7.03 17.05 8.40
CA GLY A 330 8.18 16.29 8.88
C GLY A 330 9.20 16.07 7.79
N ASP A 331 10.40 15.68 8.23
CA ASP A 331 11.55 15.58 7.32
C ASP A 331 11.25 14.67 6.13
N GLN A 332 10.55 13.55 6.36
CA GLN A 332 10.26 12.63 5.27
C GLN A 332 8.90 12.87 4.65
N SER A 333 7.86 13.08 5.46
CA SER A 333 6.53 13.26 4.90
C SER A 333 6.41 14.55 4.09
N SER A 334 7.26 15.56 4.36
CA SER A 334 7.23 16.76 3.55
C SER A 334 7.61 16.50 2.09
N LEU A 335 8.14 15.31 1.79
CA LEU A 335 8.43 14.97 0.40
C LEU A 335 7.16 14.83 -0.43
N PHE A 336 5.99 14.89 0.22
CA PHE A 336 4.74 15.01 -0.51
C PHE A 336 4.76 16.19 -1.47
N PHE A 337 5.33 17.32 -1.04
CA PHE A 337 5.34 18.50 -1.92
C PHE A 337 6.29 18.33 -3.11
N GLU A 338 7.24 17.40 -3.01
CA GLU A 338 8.04 17.02 -4.17
C GLU A 338 7.20 16.24 -5.17
N TYR A 339 6.31 15.38 -4.68
CA TYR A 339 5.33 14.75 -5.57
C TYR A 339 4.52 15.80 -6.33
N CYS A 340 4.01 16.82 -5.62
CA CYS A 340 3.24 17.86 -6.31
C CYS A 340 4.10 18.63 -7.29
N ARG A 341 5.35 18.91 -6.92
CA ARG A 341 6.23 19.64 -7.82
C ARG A 341 6.44 18.89 -9.13
N ILE A 342 6.78 17.61 -9.04
CA ILE A 342 6.99 16.78 -10.23
C ILE A 342 5.68 16.67 -11.02
N LEU A 343 4.58 16.42 -10.33
CA LEU A 343 3.30 16.28 -11.03
C LEU A 343 2.95 17.55 -11.79
N GLU A 344 3.20 18.71 -11.19
CA GLU A 344 2.93 19.98 -11.88
C GLU A 344 3.78 20.15 -13.13
N VAL A 345 5.01 19.63 -13.12
CA VAL A 345 5.81 19.69 -14.35
C VAL A 345 5.16 18.86 -15.44
N VAL A 346 4.67 17.67 -15.10
CA VAL A 346 4.01 16.82 -16.10
C VAL A 346 2.74 17.49 -16.61
N ARG A 347 1.95 18.10 -15.72
CA ARG A 347 0.71 18.74 -16.14
C ARG A 347 0.98 19.94 -17.04
N ALA A 348 2.09 20.64 -16.83
CA ALA A 348 2.38 21.81 -17.64
C ALA A 348 2.55 21.45 -19.11
N ARG A 349 3.14 20.28 -19.38
CA ARG A 349 3.30 19.86 -20.76
C ARG A 349 2.04 19.18 -21.29
N MET A 350 1.39 18.37 -20.46
CA MET A 350 0.27 17.54 -20.93
C MET A 350 -0.98 18.38 -21.16
N ARG A 351 -1.35 19.22 -20.18
CA ARG A 351 -2.59 20.00 -20.28
C ARG A 351 -2.37 21.50 -20.48
N GLY A 352 -1.18 22.02 -20.19
CA GLY A 352 -0.88 23.39 -20.53
C GLY A 352 -0.87 24.41 -19.41
N SER A 353 -1.09 25.67 -19.76
CA SER A 353 -1.01 26.85 -18.89
C SER A 353 0.39 27.06 -18.33
P C49 C 10 -1.15 2.99 9.70
O1P C49 C 10 -2.50 2.53 9.21
O2P C49 C 10 -1.02 4.49 9.59
O5' C49 C 10 0.06 2.25 8.85
C5' C49 C 10 1.39 2.63 9.13
C4' C49 C 10 2.28 2.01 8.09
O4' C49 C 10 1.84 2.59 6.65
C3' C49 C 10 3.53 2.35 8.21
O3' C49 C 10 4.27 1.35 9.03
C2' C49 C 10 4.08 2.27 6.76
C1' C49 C 10 2.82 2.25 5.87
N1 C49 C 10 2.88 3.16 4.72
C2 C49 C 10 1.79 3.05 3.66
O2 C49 C 10 0.95 2.23 3.84
N3 C49 C 10 1.73 3.93 2.42
C4 C49 C 10 2.74 4.94 2.27
N4 C49 C 10 2.85 5.69 1.27
C5 C49 C 10 3.79 4.80 3.28
C6 C49 C 10 3.90 4.18 4.60
CM5 C49 C 10 5.26 4.80 2.71
F C49 C 10 3.92 6.14 3.55
N SAH D . 4.16 2.53 -2.66
CA SAH D . 5.54 2.00 -2.57
CB SAH D . 6.21 2.36 -1.24
CG SAH D . 6.12 3.80 -0.79
SD SAH D . 6.98 4.09 0.75
C SAH D . 5.50 0.47 -2.76
O SAH D . 6.35 -0.16 -2.23
OXT SAH D . 4.63 0.01 -3.43
C5' SAH D . 7.85 5.61 0.50
C4' SAH D . 9.07 5.41 -0.31
O4' SAH D . 9.73 6.67 -0.55
C3' SAH D . 10.12 4.50 0.32
O3' SAH D . 10.27 3.39 -0.54
C2' SAH D . 11.35 5.39 0.46
O2' SAH D . 12.57 4.71 0.34
C1' SAH D . 11.10 6.42 -0.62
N9 SAH D . 11.80 7.68 -0.43
C8 SAH D . 12.04 8.32 0.74
N7 SAH D . 12.68 9.43 0.61
C5 SAH D . 12.90 9.53 -0.75
C6 SAH D . 13.54 10.50 -1.54
N6 SAH D . 14.11 11.58 -1.07
N1 SAH D . 13.56 10.28 -2.87
C2 SAH D . 12.99 9.19 -3.35
N3 SAH D . 12.37 8.23 -2.71
C4 SAH D . 12.35 8.46 -1.40
C1 GOL E . -9.35 -18.24 12.99
O1 GOL E . -10.27 -17.27 12.62
C2 GOL E . -9.55 -19.40 12.00
O2 GOL E . -10.86 -19.80 11.94
C3 GOL E . -8.59 -20.49 12.51
O3 GOL E . -8.00 -21.07 11.38
#